data_5TFI
#
_entry.id   5TFI
#
_cell.length_a   40.166
_cell.length_b   40.166
_cell.length_c   141.752
_cell.angle_alpha   90.00
_cell.angle_beta   90.00
_cell.angle_gamma   90.00
#
_symmetry.space_group_name_H-M   'P 43'
#
loop_
_entity.id
_entity.type
_entity.pdbx_description
1 polymer 'Cystic fibrosis transmembrane conductance regulator'
2 non-polymer 'MAGNESIUM ION'
3 non-polymer "2'-DEOXYGUANOSINE-5'-TRIPHOSPHATE"
4 water water
#
_entity_poly.entity_id   1
_entity_poly.type   'polypeptide(L)'
_entity_poly.pdbx_seq_one_letter_code
;SLTTTEVVMENVTAFWEEGGTPVLKDINFKIERGQLLAVAGSTGAGKTSLLMMIMGELEPSEGKIKHSGRISFCSQFSWI
MPGTIKENIIFGVSYDEYRYRSVIKACQLEEDISKFAEKDNIVLGEGGITLSGGQRARISLARAVYKDADLYLLDSPFGY
LDVLTEKEIFESCVCKLMANKTRILVTSKMEHLKKADKILILHEGSSYFYGTFSELQNLQPDFSSKLMG
;
_entity_poly.pdbx_strand_id   A
#
loop_
_chem_comp.id
_chem_comp.type
_chem_comp.name
_chem_comp.formula
DGT non-polymer 2'-DEOXYGUANOSINE-5'-TRIPHOSPHATE 'C10 H16 N5 O13 P3'
MG non-polymer 'MAGNESIUM ION' 'Mg 2'
#
# COMPACT_ATOMS: atom_id res chain seq x y z
N THR A 5 -2.77 -19.21 -6.46
CA THR A 5 -2.74 -17.76 -6.69
C THR A 5 -3.59 -17.04 -5.65
N GLU A 6 -3.09 -15.91 -5.18
CA GLU A 6 -3.82 -15.13 -4.18
C GLU A 6 -4.67 -14.03 -4.80
N VAL A 7 -4.17 -13.35 -5.84
CA VAL A 7 -4.96 -12.33 -6.53
C VAL A 7 -4.76 -12.49 -8.03
N VAL A 8 -5.86 -12.47 -8.77
CA VAL A 8 -5.83 -12.54 -10.23
C VAL A 8 -6.78 -11.50 -10.80
N MET A 9 -6.32 -10.78 -11.82
CA MET A 9 -7.21 -10.07 -12.72
CA MET A 9 -7.21 -10.07 -12.72
C MET A 9 -7.02 -10.63 -14.13
N GLU A 10 -8.12 -10.93 -14.79
CA GLU A 10 -8.08 -11.48 -16.14
C GLU A 10 -8.99 -10.65 -17.02
N ASN A 11 -8.41 -9.95 -18.01
CA ASN A 11 -9.17 -9.18 -18.99
C ASN A 11 -10.16 -8.21 -18.32
N VAL A 12 -9.73 -7.53 -17.25
CA VAL A 12 -10.67 -6.71 -16.48
C VAL A 12 -10.84 -5.33 -17.12
N THR A 13 -12.08 -4.97 -17.40
CA THR A 13 -12.50 -3.62 -17.77
C THR A 13 -13.56 -3.16 -16.78
N ALA A 14 -13.52 -1.89 -16.37
CA ALA A 14 -14.47 -1.39 -15.38
C ALA A 14 -14.78 0.07 -15.64
N PHE A 15 -15.93 0.50 -15.14
CA PHE A 15 -16.41 1.88 -15.29
C PHE A 15 -16.86 2.41 -13.94
N TRP A 16 -16.47 3.64 -13.61
CA TRP A 16 -17.04 4.28 -12.43
C TRP A 16 -18.45 4.79 -12.70
N GLU A 17 -18.68 5.30 -13.89
CA GLU A 17 -19.99 5.83 -14.27
C GLU A 17 -20.47 5.08 -15.50
N GLU A 18 -21.67 4.51 -15.40
CA GLU A 18 -22.26 3.78 -16.52
C GLU A 18 -22.24 4.64 -17.79
N GLY A 19 -21.64 4.10 -18.84
CA GLY A 19 -21.55 4.83 -20.09
C GLY A 19 -20.50 5.92 -20.13
N GLY A 20 -19.67 6.04 -19.11
CA GLY A 20 -18.51 6.92 -19.16
C GLY A 20 -17.35 6.24 -19.86
N THR A 21 -16.16 6.82 -19.69
CA THR A 21 -14.98 6.15 -20.21
C THR A 21 -14.49 5.11 -19.20
N PRO A 22 -13.92 4.00 -19.67
CA PRO A 22 -13.52 2.96 -18.72
C PRO A 22 -12.35 3.43 -17.88
N VAL A 23 -12.40 3.12 -16.58
CA VAL A 23 -11.32 3.52 -15.69
C VAL A 23 -10.18 2.50 -15.72
N LEU A 24 -10.50 1.25 -16.03
CA LEU A 24 -9.52 0.19 -16.23
C LEU A 24 -9.90 -0.55 -17.50
N LYS A 25 -8.92 -0.91 -18.32
CA LYS A 25 -9.17 -1.51 -19.63
C LYS A 25 -8.27 -2.72 -19.83
N ASP A 26 -8.88 -3.91 -19.93
CA ASP A 26 -8.20 -5.18 -20.24
C ASP A 26 -6.94 -5.35 -19.38
N ILE A 27 -7.13 -5.30 -18.06
CA ILE A 27 -6.03 -5.46 -17.11
C ILE A 27 -5.82 -6.93 -16.79
N ASN A 28 -4.55 -7.35 -16.75
CA ASN A 28 -4.19 -8.73 -16.46
C ASN A 28 -3.03 -8.76 -15.48
N PHE A 29 -3.17 -9.53 -14.40
CA PHE A 29 -2.02 -9.81 -13.53
C PHE A 29 -2.32 -11.00 -12.64
N LYS A 30 -1.26 -11.58 -12.09
CA LYS A 30 -1.40 -12.63 -11.07
C LYS A 30 -0.34 -12.42 -10.00
N ILE A 31 -0.75 -12.55 -8.74
CA ILE A 31 0.12 -12.52 -7.57
C ILE A 31 -0.02 -13.86 -6.85
N GLU A 32 1.10 -14.55 -6.62
CA GLU A 32 1.05 -15.73 -5.77
C GLU A 32 1.09 -15.31 -4.30
N ARG A 33 0.67 -16.23 -3.43
CA ARG A 33 0.70 -15.97 -1.99
C ARG A 33 2.09 -15.53 -1.55
N GLY A 34 2.16 -14.41 -0.84
CA GLY A 34 3.41 -13.88 -0.35
C GLY A 34 4.21 -13.04 -1.34
N GLN A 35 3.71 -12.81 -2.55
CA GLN A 35 4.47 -11.98 -3.46
C GLN A 35 4.10 -10.51 -3.30
N LEU A 36 4.89 -9.67 -3.96
CA LEU A 36 4.71 -8.23 -4.00
C LEU A 36 4.48 -7.80 -5.44
N LEU A 37 3.35 -7.13 -5.70
CA LEU A 37 3.08 -6.47 -6.97
C LEU A 37 3.23 -4.97 -6.77
N ALA A 38 4.03 -4.35 -7.65
CA ALA A 38 4.14 -2.90 -7.70
C ALA A 38 3.22 -2.39 -8.80
N VAL A 39 2.40 -1.39 -8.46
CA VAL A 39 1.47 -0.78 -9.41
C VAL A 39 1.88 0.67 -9.58
N ALA A 40 2.22 1.05 -10.82
CA ALA A 40 2.75 2.36 -11.13
C ALA A 40 1.89 3.02 -12.20
N GLY A 41 2.14 4.30 -12.43
CA GLY A 41 1.46 5.06 -13.47
C GLY A 41 1.15 6.47 -13.00
N SER A 42 0.87 7.34 -13.96
CA SER A 42 0.68 8.76 -13.67
C SER A 42 -0.66 9.02 -12.98
N THR A 43 -0.88 10.26 -12.55
CA THR A 43 -2.14 10.57 -11.87
C THR A 43 -3.31 10.28 -12.80
N GLY A 44 -4.37 9.70 -12.22
CA GLY A 44 -5.53 9.30 -13.00
C GLY A 44 -5.38 8.03 -13.79
N ALA A 45 -4.25 7.31 -13.67
CA ALA A 45 -4.06 6.10 -14.46
C ALA A 45 -5.03 4.99 -14.07
N GLY A 46 -5.53 5.01 -12.84
CA GLY A 46 -6.42 3.98 -12.35
C GLY A 46 -5.87 3.10 -11.22
N LYS A 47 -4.81 3.53 -10.55
CA LYS A 47 -4.15 2.67 -9.56
C LYS A 47 -5.05 2.47 -8.34
N THR A 48 -5.56 3.56 -7.77
CA THR A 48 -6.47 3.42 -6.64
C THR A 48 -7.74 2.69 -7.04
N SER A 49 -8.22 2.93 -8.27
CA SER A 49 -9.42 2.23 -8.74
C SER A 49 -9.18 0.72 -8.77
N LEU A 50 -7.97 0.31 -9.15
CA LEU A 50 -7.65 -1.11 -9.16
C LEU A 50 -7.78 -1.70 -7.76
N LEU A 51 -7.23 -1.00 -6.76
CA LEU A 51 -7.38 -1.40 -5.37
C LEU A 51 -8.85 -1.44 -4.97
N MET A 52 -9.63 -0.47 -5.43
CA MET A 52 -11.06 -0.44 -5.07
C MET A 52 -11.78 -1.67 -5.63
N MET A 53 -11.39 -2.13 -6.81
CA MET A 53 -12.01 -3.35 -7.34
C MET A 53 -11.69 -4.54 -6.44
N ILE A 54 -10.43 -4.65 -5.98
CA ILE A 54 -10.08 -5.76 -5.11
C ILE A 54 -10.88 -5.72 -3.83
N MET A 55 -11.20 -4.52 -3.34
CA MET A 55 -11.97 -4.36 -2.13
C MET A 55 -13.47 -4.40 -2.37
N GLY A 56 -13.89 -4.64 -3.61
CA GLY A 56 -15.29 -4.85 -3.91
C GLY A 56 -16.13 -3.61 -4.07
N GLU A 57 -15.51 -2.43 -4.20
CA GLU A 57 -16.29 -1.21 -4.39
C GLU A 57 -16.45 -0.82 -5.84
N LEU A 58 -15.89 -1.59 -6.76
CA LEU A 58 -16.02 -1.35 -8.19
C LEU A 58 -16.11 -2.71 -8.85
N GLU A 59 -17.20 -2.97 -9.55
CA GLU A 59 -17.35 -4.28 -10.14
C GLU A 59 -16.89 -4.23 -11.60
N PRO A 60 -16.30 -5.33 -12.08
CA PRO A 60 -15.88 -5.38 -13.48
C PRO A 60 -17.06 -5.46 -14.43
N SER A 61 -16.91 -4.84 -15.59
CA SER A 61 -17.87 -4.99 -16.67
C SER A 61 -17.47 -6.10 -17.63
N GLU A 62 -16.18 -6.35 -17.76
CA GLU A 62 -15.65 -7.52 -18.46
C GLU A 62 -14.57 -8.13 -17.58
N GLY A 63 -14.33 -9.42 -17.74
CA GLY A 63 -13.21 -10.06 -17.06
C GLY A 63 -13.55 -10.67 -15.72
N LYS A 64 -12.52 -11.27 -15.11
CA LYS A 64 -12.63 -12.05 -13.89
C LYS A 64 -11.64 -11.55 -12.85
N ILE A 65 -12.04 -11.59 -11.58
CA ILE A 65 -11.16 -11.22 -10.47
C ILE A 65 -11.20 -12.34 -9.44
N LYS A 66 -10.03 -12.70 -8.92
CA LYS A 66 -9.92 -13.66 -7.83
C LYS A 66 -9.18 -13.01 -6.67
N HIS A 67 -9.76 -13.08 -5.47
CA HIS A 67 -9.03 -12.74 -4.26
C HIS A 67 -9.83 -13.27 -3.07
N SER A 68 -9.13 -13.76 -2.06
CA SER A 68 -9.78 -14.32 -0.87
C SER A 68 -9.10 -13.83 0.40
N GLY A 69 -9.88 -13.60 1.44
CA GLY A 69 -9.34 -13.34 2.76
C GLY A 69 -9.45 -11.88 3.13
N ARG A 70 -9.02 -11.57 4.34
CA ARG A 70 -9.22 -10.21 4.79
C ARG A 70 -8.13 -9.32 4.19
N ILE A 71 -8.49 -8.06 4.01
CA ILE A 71 -7.63 -7.06 3.38
C ILE A 71 -7.32 -6.02 4.44
N SER A 72 -6.09 -5.52 4.42
CA SER A 72 -5.73 -4.29 5.12
C SER A 72 -5.36 -3.26 4.06
N PHE A 73 -6.02 -2.09 4.12
CA PHE A 73 -5.87 -1.04 3.11
C PHE A 73 -5.24 0.19 3.74
N CYS A 74 -4.21 0.75 3.09
CA CYS A 74 -3.59 2.00 3.49
C CYS A 74 -3.88 3.04 2.43
N SER A 75 -4.70 4.03 2.79
CA SER A 75 -5.08 5.08 1.84
C SER A 75 -3.88 5.93 1.46
N GLN A 76 -3.91 6.47 0.23
CA GLN A 76 -2.90 7.44 -0.17
C GLN A 76 -3.04 8.76 0.56
N PHE A 77 -4.14 8.96 1.28
CA PHE A 77 -4.34 10.15 2.10
C PHE A 77 -4.24 9.71 3.56
N SER A 78 -3.17 10.13 4.22
CA SER A 78 -2.95 9.76 5.61
C SER A 78 -4.03 10.37 6.49
N TRP A 79 -4.34 9.69 7.60
CA TRP A 79 -5.39 10.17 8.48
C TRP A 79 -5.11 9.73 9.91
N ILE A 80 -5.64 10.51 10.85
CA ILE A 80 -5.49 10.29 12.29
C ILE A 80 -6.87 10.44 12.91
N MET A 81 -7.18 9.59 13.89
CA MET A 81 -8.37 9.79 14.71
C MET A 81 -7.95 10.20 16.12
N PRO A 82 -8.82 10.90 16.85
CA PRO A 82 -8.45 11.33 18.20
C PRO A 82 -8.12 10.13 19.08
N GLY A 83 -6.95 10.18 19.69
CA GLY A 83 -6.50 9.11 20.56
C GLY A 83 -4.98 9.10 20.56
N THR A 84 -4.43 8.17 21.34
CA THR A 84 -2.98 8.12 21.44
C THR A 84 -2.38 7.58 20.14
N ILE A 85 -1.06 7.75 19.99
CA ILE A 85 -0.42 7.16 18.83
C ILE A 85 -0.53 5.64 18.86
N LYS A 86 -0.46 5.03 20.05
CA LYS A 86 -0.65 3.59 20.13
C LYS A 86 -2.06 3.19 19.69
N GLU A 87 -3.08 3.92 20.17
CA GLU A 87 -4.45 3.63 19.78
C GLU A 87 -4.65 3.82 18.27
N ASN A 88 -4.00 4.83 17.67
CA ASN A 88 -4.16 5.04 16.23
C ASN A 88 -3.57 3.91 15.42
N ILE A 89 -2.51 3.28 15.91
CA ILE A 89 -1.86 2.24 15.13
C ILE A 89 -2.56 0.91 15.34
N ILE A 90 -2.89 0.60 16.59
CA ILE A 90 -3.64 -0.60 16.92
C ILE A 90 -5.05 -0.54 16.30
N PHE A 91 -5.68 0.61 16.43
CA PHE A 91 -6.99 0.92 15.83
C PHE A 91 -7.98 -0.24 15.99
N GLY A 92 -8.26 -0.58 17.25
CA GLY A 92 -9.27 -1.56 17.56
C GLY A 92 -8.85 -3.02 17.47
N VAL A 93 -7.67 -3.30 16.91
CA VAL A 93 -7.14 -4.67 16.86
C VAL A 93 -6.60 -5.03 18.24
N SER A 94 -6.58 -6.31 18.58
CA SER A 94 -6.02 -6.71 19.86
C SER A 94 -4.55 -6.31 19.93
N TYR A 95 -4.08 -5.99 21.14
CA TYR A 95 -2.75 -5.45 21.33
C TYR A 95 -1.75 -6.56 21.62
N ASP A 96 -0.60 -6.47 20.98
CA ASP A 96 0.54 -7.30 21.35
C ASP A 96 1.80 -6.47 21.33
N GLU A 97 2.53 -6.44 22.47
CA GLU A 97 3.68 -5.57 22.60
C GLU A 97 4.73 -5.84 21.52
N TYR A 98 5.09 -7.11 21.34
CA TYR A 98 6.13 -7.42 20.36
C TYR A 98 5.71 -7.00 18.96
N ARG A 99 4.49 -7.35 18.56
CA ARG A 99 4.00 -7.01 17.23
C ARG A 99 3.97 -5.50 17.03
N TYR A 100 3.40 -4.77 18.00
CA TYR A 100 3.37 -3.32 17.94
C TYR A 100 4.77 -2.73 17.81
N ARG A 101 5.69 -3.17 18.68
CA ARG A 101 7.03 -2.62 18.65
C ARG A 101 7.72 -2.89 17.32
N SER A 102 7.51 -4.08 16.74
CA SER A 102 8.16 -4.38 15.47
CA SER A 102 8.16 -4.39 15.47
C SER A 102 7.65 -3.46 14.36
N VAL A 103 6.35 -3.15 14.37
CA VAL A 103 5.77 -2.27 13.37
C VAL A 103 6.32 -0.86 13.54
N ILE A 104 6.28 -0.34 14.77
CA ILE A 104 6.82 0.98 15.09
C ILE A 104 8.25 1.12 14.60
N LYS A 105 9.09 0.13 14.92
CA LYS A 105 10.49 0.19 14.50
C LYS A 105 10.61 0.18 12.98
N ALA A 106 9.83 -0.69 12.32
CA ALA A 106 9.93 -0.82 10.87
C ALA A 106 9.50 0.45 10.17
N CYS A 107 8.66 1.26 10.83
CA CYS A 107 8.15 2.51 10.28
C CYS A 107 8.90 3.73 10.80
N GLN A 108 10.03 3.53 11.48
CA GLN A 108 10.88 4.59 12.04
C GLN A 108 10.16 5.49 13.03
N LEU A 109 9.06 5.02 13.60
CA LEU A 109 8.30 5.82 14.55
C LEU A 109 8.84 5.74 15.97
N GLU A 110 9.73 4.80 16.28
CA GLU A 110 10.21 4.74 17.66
C GLU A 110 11.05 5.96 17.99
N GLU A 111 11.80 6.49 17.00
CA GLU A 111 12.54 7.73 17.23
C GLU A 111 11.59 8.90 17.50
N ASP A 112 10.51 9.02 16.73
CA ASP A 112 9.53 10.07 17.01
C ASP A 112 8.96 9.91 18.42
N ILE A 113 8.51 8.70 18.74
CA ILE A 113 7.80 8.48 20.00
C ILE A 113 8.73 8.69 21.19
N SER A 114 9.98 8.26 21.07
CA SER A 114 10.94 8.39 22.19
C SER A 114 11.13 9.84 22.64
N LYS A 115 10.81 10.83 21.80
CA LYS A 115 11.04 12.22 22.15
C LYS A 115 9.91 12.84 22.96
N PHE A 116 8.76 12.18 23.06
CA PHE A 116 7.64 12.69 23.83
C PHE A 116 7.67 12.14 25.26
N ALA A 117 7.41 13.01 26.23
CA ALA A 117 7.37 12.57 27.61
C ALA A 117 6.31 11.51 27.82
N GLU A 118 5.20 11.60 27.09
CA GLU A 118 4.14 10.60 27.20
C GLU A 118 4.39 9.37 26.34
N LYS A 119 5.45 9.35 25.55
CA LYS A 119 5.85 8.18 24.75
C LYS A 119 4.65 7.77 23.91
N ASP A 120 4.29 6.48 23.87
CA ASP A 120 3.20 5.98 23.04
C ASP A 120 1.83 6.47 23.47
N ASN A 121 1.71 7.10 24.63
CA ASN A 121 0.44 7.66 25.06
C ASN A 121 0.27 9.11 24.66
N ILE A 122 1.17 9.66 23.83
CA ILE A 122 0.97 11.00 23.29
C ILE A 122 -0.36 11.06 22.54
N VAL A 123 -1.14 12.12 22.75
CA VAL A 123 -2.48 12.21 22.20
C VAL A 123 -2.44 12.97 20.87
N LEU A 124 -3.01 12.37 19.85
CA LEU A 124 -3.10 12.94 18.51
C LEU A 124 -4.54 13.32 18.20
N GLY A 125 -4.70 14.19 17.21
CA GLY A 125 -6.03 14.44 16.67
C GLY A 125 -6.97 15.14 17.62
N GLU A 126 -6.45 15.76 18.70
CA GLU A 126 -7.29 16.47 19.66
C GLU A 126 -6.81 17.89 19.90
N GLY A 127 -6.05 18.46 18.97
CA GLY A 127 -5.60 19.83 19.08
C GLY A 127 -4.28 20.02 19.82
N GLY A 128 -3.72 18.97 20.42
CA GLY A 128 -2.44 19.11 21.05
C GLY A 128 -1.32 19.04 20.02
N ILE A 129 -0.76 17.84 19.83
CA ILE A 129 0.25 17.63 18.82
C ILE A 129 -0.34 17.87 17.43
N THR A 130 0.38 18.65 16.62
CA THR A 130 0.11 18.75 15.19
C THR A 130 1.23 18.01 14.47
N LEU A 131 0.91 16.88 13.84
CA LEU A 131 1.94 16.05 13.22
C LEU A 131 2.33 16.58 11.85
N SER A 132 3.57 16.27 11.47
CA SER A 132 4.00 16.55 10.10
C SER A 132 3.31 15.61 9.13
N GLY A 133 3.38 15.95 7.83
CA GLY A 133 2.81 15.05 6.84
C GLY A 133 3.52 13.71 6.83
N GLY A 134 4.84 13.72 7.02
CA GLY A 134 5.60 12.47 7.02
C GLY A 134 5.26 11.62 8.22
N GLN A 135 5.05 12.26 9.37
CA GLN A 135 4.66 11.51 10.55
C GLN A 135 3.28 10.89 10.37
N ARG A 136 2.33 11.66 9.82
CA ARG A 136 0.99 11.12 9.61
C ARG A 136 1.02 9.95 8.64
N ALA A 137 1.86 10.04 7.61
CA ALA A 137 1.94 8.95 6.64
C ALA A 137 2.50 7.68 7.30
N ARG A 138 3.54 7.82 8.12
CA ARG A 138 4.12 6.63 8.73
C ARG A 138 3.17 6.02 9.76
N ILE A 139 2.41 6.85 10.48
CA ILE A 139 1.39 6.32 11.38
C ILE A 139 0.32 5.57 10.60
N SER A 140 -0.14 6.15 9.49
CA SER A 140 -1.15 5.49 8.67
C SER A 140 -0.64 4.16 8.11
N LEU A 141 0.63 4.11 7.70
CA LEU A 141 1.21 2.86 7.21
C LEU A 141 1.30 1.84 8.33
N ALA A 142 1.77 2.28 9.50
CA ALA A 142 1.88 1.37 10.64
C ALA A 142 0.53 0.79 11.01
N ARG A 143 -0.52 1.61 10.98
CA ARG A 143 -1.87 1.13 11.25
C ARG A 143 -2.25 -0.01 10.31
N ALA A 144 -2.00 0.18 9.01
CA ALA A 144 -2.37 -0.82 8.02
C ALA A 144 -1.54 -2.09 8.17
N VAL A 145 -0.29 -1.94 8.57
CA VAL A 145 0.63 -3.08 8.66
C VAL A 145 0.40 -3.85 9.94
N TYR A 146 -0.06 -3.17 10.99
CA TYR A 146 -0.33 -3.84 12.26
C TYR A 146 -1.51 -4.80 12.13
N LYS A 147 -2.53 -4.41 11.38
CA LYS A 147 -3.68 -5.28 11.17
C LYS A 147 -3.26 -6.61 10.56
N ASP A 148 -3.78 -7.71 11.11
CA ASP A 148 -3.52 -9.01 10.51
C ASP A 148 -4.45 -9.20 9.32
N ALA A 149 -3.89 -9.55 8.17
CA ALA A 149 -4.70 -9.71 6.98
C ALA A 149 -4.00 -10.65 6.01
N ASP A 150 -4.78 -11.15 5.04
CA ASP A 150 -4.21 -11.97 3.97
C ASP A 150 -3.67 -11.15 2.82
N LEU A 151 -4.16 -9.93 2.63
CA LEU A 151 -3.71 -9.11 1.52
C LEU A 151 -3.56 -7.67 1.98
N TYR A 152 -2.41 -7.07 1.71
CA TYR A 152 -2.13 -5.69 2.09
C TYR A 152 -2.11 -4.83 0.83
N LEU A 153 -2.97 -3.82 0.82
CA LEU A 153 -3.12 -2.89 -0.29
C LEU A 153 -2.59 -1.55 0.21
N LEU A 154 -1.37 -1.20 -0.21
CA LEU A 154 -0.67 0.00 0.26
C LEU A 154 -0.66 1.01 -0.87
N ASP A 155 -1.55 1.99 -0.79
CA ASP A 155 -1.75 2.96 -1.86
C ASP A 155 -0.84 4.16 -1.62
N SER A 156 0.31 4.19 -2.28
CA SER A 156 1.24 5.31 -2.23
CA SER A 156 1.25 5.32 -2.22
C SER A 156 1.46 5.77 -0.78
N PRO A 157 1.96 4.88 0.09
CA PRO A 157 1.97 5.15 1.53
C PRO A 157 3.12 6.02 2.02
N PHE A 158 4.02 6.43 1.14
CA PHE A 158 5.25 7.11 1.55
C PHE A 158 5.17 8.61 1.34
N GLY A 159 3.98 9.19 1.49
CA GLY A 159 3.81 10.61 1.25
C GLY A 159 4.62 11.42 2.24
N TYR A 160 5.21 12.50 1.76
CA TYR A 160 5.97 13.48 2.54
C TYR A 160 7.31 13.00 3.02
N LEU A 161 7.75 11.80 2.63
CA LEU A 161 9.03 11.29 3.09
C LEU A 161 10.10 11.62 2.07
N ASP A 162 11.29 11.96 2.56
CA ASP A 162 12.43 12.11 1.66
C ASP A 162 12.80 10.77 1.06
N VAL A 163 13.59 10.80 -0.01
CA VAL A 163 13.79 9.58 -0.79
C VAL A 163 14.55 8.52 0.00
N LEU A 164 15.47 8.92 0.89
CA LEU A 164 16.21 7.93 1.67
C LEU A 164 15.33 7.29 2.74
N THR A 165 14.53 8.09 3.43
CA THR A 165 13.61 7.53 4.42
C THR A 165 12.61 6.59 3.78
N GLU A 166 12.09 6.98 2.61
CA GLU A 166 11.20 6.09 1.85
C GLU A 166 11.88 4.77 1.53
N LYS A 167 13.12 4.85 1.02
CA LYS A 167 13.89 3.64 0.74
C LYS A 167 14.05 2.77 1.97
N GLU A 168 14.39 3.38 3.12
CA GLU A 168 14.65 2.59 4.30
C GLU A 168 13.40 1.88 4.81
N ILE A 169 12.25 2.58 4.78
CA ILE A 169 11.01 2.00 5.25
C ILE A 169 10.45 0.99 4.25
N PHE A 170 10.59 1.28 2.94
CA PHE A 170 10.26 0.24 1.97
C PHE A 170 10.99 -1.08 2.28
N GLU A 171 12.27 -0.97 2.62
CA GLU A 171 13.06 -2.17 2.89
C GLU A 171 12.71 -2.78 4.24
N SER A 172 12.63 -1.97 5.30
CA SER A 172 12.42 -2.52 6.63
C SER A 172 10.98 -2.99 6.82
N CYS A 173 10.01 -2.26 6.29
CA CYS A 173 8.60 -2.60 6.51
C CYS A 173 8.06 -3.46 5.37
N VAL A 174 8.13 -2.98 4.13
CA VAL A 174 7.46 -3.71 3.05
C VAL A 174 8.21 -5.00 2.71
N CYS A 175 9.54 -4.97 2.70
CA CYS A 175 10.31 -6.13 2.27
C CYS A 175 10.67 -7.07 3.41
N LYS A 176 11.07 -6.53 4.56
CA LYS A 176 11.52 -7.41 5.64
C LYS A 176 10.37 -7.80 6.57
N LEU A 177 9.74 -6.81 7.22
CA LEU A 177 8.69 -7.14 8.18
C LEU A 177 7.54 -7.89 7.53
N MET A 178 7.21 -7.52 6.29
CA MET A 178 6.07 -8.11 5.59
C MET A 178 6.48 -9.17 4.58
N ALA A 179 7.66 -9.79 4.77
CA ALA A 179 8.22 -10.68 3.75
C ALA A 179 7.30 -11.84 3.42
N ASN A 180 6.49 -12.31 4.37
CA ASN A 180 5.70 -13.51 4.09
C ASN A 180 4.29 -13.20 3.56
N LYS A 181 3.96 -11.94 3.32
CA LYS A 181 2.58 -11.51 3.14
C LYS A 181 2.36 -11.08 1.70
N THR A 182 1.13 -11.25 1.23
CA THR A 182 0.79 -10.85 -0.12
C THR A 182 0.55 -9.34 -0.12
N ARG A 183 1.27 -8.62 -0.99
CA ARG A 183 1.31 -7.16 -0.94
C ARG A 183 1.07 -6.59 -2.33
N ILE A 184 0.21 -5.58 -2.41
CA ILE A 184 0.11 -4.72 -3.59
C ILE A 184 0.49 -3.33 -3.14
N LEU A 185 1.52 -2.79 -3.75
CA LEU A 185 2.06 -1.49 -3.39
C LEU A 185 1.94 -0.56 -4.57
N VAL A 186 1.13 0.50 -4.44
CA VAL A 186 1.08 1.52 -5.48
C VAL A 186 2.26 2.44 -5.27
N THR A 187 3.18 2.46 -6.24
CA THR A 187 4.44 3.17 -6.11
C THR A 187 5.05 3.33 -7.51
N SER A 188 5.84 4.38 -7.68
CA SER A 188 6.51 4.65 -8.94
CA SER A 188 6.51 4.61 -8.95
C SER A 188 8.03 4.52 -8.86
N LYS A 189 8.58 4.27 -7.68
CA LYS A 189 10.02 4.36 -7.47
C LYS A 189 10.75 3.13 -8.02
N MET A 190 11.91 3.39 -8.63
CA MET A 190 12.63 2.35 -9.37
C MET A 190 12.98 1.16 -8.48
N GLU A 191 13.51 1.40 -7.28
CA GLU A 191 13.92 0.26 -6.46
C GLU A 191 12.72 -0.60 -6.07
N HIS A 192 11.55 0.01 -5.87
CA HIS A 192 10.37 -0.77 -5.51
C HIS A 192 9.94 -1.67 -6.66
N LEU A 193 9.96 -1.15 -7.90
CA LEU A 193 9.63 -1.98 -9.04
C LEU A 193 10.66 -3.09 -9.21
N LYS A 194 11.93 -2.78 -8.93
CA LYS A 194 13.00 -3.76 -9.10
C LYS A 194 12.88 -4.90 -8.11
N LYS A 195 12.46 -4.60 -6.86
CA LYS A 195 12.30 -5.63 -5.85
C LYS A 195 10.97 -6.37 -5.92
N ALA A 196 10.00 -5.84 -6.65
CA ALA A 196 8.70 -6.49 -6.74
C ALA A 196 8.80 -7.79 -7.54
N ASP A 197 7.93 -8.75 -7.20
CA ASP A 197 7.84 -9.98 -7.99
C ASP A 197 7.23 -9.72 -9.36
N LYS A 198 6.29 -8.79 -9.44
CA LYS A 198 5.71 -8.34 -10.70
C LYS A 198 5.46 -6.85 -10.65
N ILE A 199 5.45 -6.23 -11.83
CA ILE A 199 5.17 -4.81 -11.99
CA ILE A 199 5.13 -4.82 -11.94
C ILE A 199 4.00 -4.65 -12.95
N LEU A 200 3.07 -3.77 -12.61
CA LEU A 200 1.96 -3.39 -13.48
C LEU A 200 2.01 -1.87 -13.62
N ILE A 201 2.30 -1.37 -14.82
CA ILE A 201 2.29 0.06 -15.09
C ILE A 201 1.01 0.38 -15.84
N LEU A 202 0.18 1.25 -15.25
CA LEU A 202 -1.07 1.69 -15.83
C LEU A 202 -0.89 3.05 -16.52
N HIS A 203 -1.59 3.24 -17.63
CA HIS A 203 -1.65 4.53 -18.30
C HIS A 203 -3.07 4.73 -18.82
N GLU A 204 -3.76 5.74 -18.29
CA GLU A 204 -5.12 6.06 -18.68
C GLU A 204 -5.98 4.80 -18.73
N GLY A 205 -5.88 3.98 -17.69
CA GLY A 205 -6.71 2.79 -17.56
C GLY A 205 -6.13 1.53 -18.17
N SER A 206 -5.21 1.63 -19.11
CA SER A 206 -4.68 0.46 -19.82
C SER A 206 -3.38 -0.02 -19.20
N SER A 207 -3.03 -1.27 -19.54
CA SER A 207 -1.75 -1.87 -19.10
C SER A 207 -0.64 -1.37 -20.03
N TYR A 208 0.13 -0.41 -19.52
CA TYR A 208 1.30 0.09 -20.23
C TYR A 208 2.40 -0.96 -20.27
N PHE A 209 2.60 -1.66 -19.16
CA PHE A 209 3.59 -2.75 -19.07
C PHE A 209 3.16 -3.69 -17.96
N TYR A 210 3.33 -4.98 -18.19
CA TYR A 210 3.16 -5.96 -17.13
C TYR A 210 4.21 -7.04 -17.27
N GLY A 211 4.93 -7.31 -16.19
CA GLY A 211 6.03 -8.25 -16.21
C GLY A 211 6.96 -8.00 -15.04
N THR A 212 8.24 -8.30 -15.25
CA THR A 212 9.26 -8.04 -14.24
C THR A 212 10.17 -6.89 -14.66
N PHE A 213 10.82 -6.29 -13.66
CA PHE A 213 11.84 -5.26 -13.92
C PHE A 213 12.93 -5.79 -14.84
N SER A 214 13.35 -7.05 -14.63
CA SER A 214 14.35 -7.66 -15.48
C SER A 214 13.88 -7.74 -16.94
N GLU A 215 12.63 -8.16 -17.15
CA GLU A 215 12.08 -8.22 -18.51
C GLU A 215 12.06 -6.84 -19.15
N LEU A 216 11.66 -5.82 -18.38
CA LEU A 216 11.66 -4.46 -18.91
C LEU A 216 13.07 -4.02 -19.26
N GLN A 217 14.04 -4.33 -18.41
CA GLN A 217 15.42 -3.97 -18.70
C GLN A 217 15.88 -4.59 -20.02
N ASN A 218 15.47 -5.83 -20.29
CA ASN A 218 15.88 -6.53 -21.49
C ASN A 218 15.28 -5.96 -22.77
N LEU A 219 14.27 -5.09 -22.66
CA LEU A 219 13.73 -4.41 -23.82
C LEU A 219 14.51 -3.14 -24.16
N GLN A 220 15.46 -2.76 -23.31
CA GLN A 220 16.48 -1.70 -23.45
C GLN A 220 16.45 -0.84 -22.16
N PRO A 221 15.41 0.00 -21.94
CA PRO A 221 14.37 0.86 -22.53
C PRO A 221 14.77 2.33 -22.57
MG MG B . -4.71 7.11 -6.28
PG DGT C . -3.42 9.23 -8.34
O1G DGT C . -3.56 10.71 -8.50
O2G DGT C . -3.85 8.73 -6.96
O3G DGT C . -1.99 8.83 -8.57
O3B DGT C . -4.37 8.59 -9.47
PB DGT C . -4.85 7.05 -9.57
O1B DGT C . -5.10 6.40 -8.24
O2B DGT C . -3.99 6.23 -10.50
O3A DGT C . -6.28 7.24 -10.37
PA DGT C . -7.77 6.95 -9.83
O1A DGT C . -8.07 7.64 -8.54
O2A DGT C . -7.99 5.48 -9.80
O5' DGT C . -8.74 7.59 -10.98
C5' DGT C . -8.78 6.94 -12.19
C4' DGT C . -9.98 7.57 -12.98
O4' DGT C . -11.05 7.29 -12.36
C3' DGT C . -9.87 9.15 -12.99
O3' DGT C . -10.20 9.59 -14.27
C2' DGT C . -10.84 9.60 -11.99
C1' DGT C . -11.76 8.63 -11.89
N9 DGT C . -12.16 8.33 -10.58
C8 DGT C . -11.51 7.96 -9.46
N7 DGT C . -12.42 7.76 -8.49
C5 DGT C . -13.63 8.00 -9.02
C6 DGT C . -15.03 7.95 -8.42
O6 DGT C . -15.20 7.62 -7.22
N1 DGT C . -16.16 8.26 -9.24
C2 DGT C . -15.98 8.63 -10.62
N2 DGT C . -17.13 8.95 -11.44
N3 DGT C . -14.65 8.67 -11.18
C4 DGT C . -13.46 8.35 -10.32
#